data_4G9C
#
_entry.id   4G9C
#
_cell.length_a   107.050
_cell.length_b   107.050
_cell.length_c   161.850
_cell.angle_alpha   90.00
_cell.angle_beta   90.00
_cell.angle_gamma   90.00
#
_symmetry.space_group_name_H-M   'P 41 21 2'
#
loop_
_entity.id
_entity.type
_entity.pdbx_description
1 polymer 'Serine/threonine-protein kinase B-raf'
2 non-polymer 3-{[3-(2-cyanopropan-2-yl)benzoyl]amino}-2,6-difluoro-N-(3-methoxy-2H-pyrazolo[3,4-b]pyridin-5-yl)benzamide
#
_entity_poly.entity_id   1
_entity_poly.type   'polypeptide(L)'
_entity_poly.pdbx_seq_one_letter_code
;MDRGSHHHHHHGSEDRNRMKTLGRRDSSDDWEIPDGQITVGQRIGSGSFGTVYKGKWHGDVAVKMLNVTAPTPQQLQAFK
NEVGVLRKTRHVNILLFMGYSTKPQLAIVTQWCEGSSLYHHLHIIETKFEMIKLIDIARQTAQGMDYLHAKSIIHRDLKS
NNIFLHEDLTVKIGDFGLATVKSRWSGSHQFEQLSGSILWMAPEVIRMQDKNPYSFQSDVYAFGIVLYELMTGQLPYSNI
NNRDQIIFMVGRGYLSPDLSKVRSNCPKAMKRLMAECLKKKRDERPLFPQILASIELLARSLPKIHR
;
_entity_poly.pdbx_strand_id   A,B
#
# COMPACT_ATOMS: atom_id res chain seq x y z
N ASP A 29 -13.44 -13.78 6.11
CA ASP A 29 -12.94 -13.81 4.69
C ASP A 29 -11.94 -14.95 4.47
N ASP A 30 -11.59 -15.17 3.21
CA ASP A 30 -10.60 -16.19 2.87
C ASP A 30 -9.47 -15.59 2.03
N TRP A 31 -8.24 -15.82 2.45
CA TRP A 31 -7.07 -15.34 1.73
C TRP A 31 -6.29 -16.51 1.18
N GLU A 32 -6.90 -17.70 1.23
CA GLU A 32 -6.25 -18.88 0.71
C GLU A 32 -6.00 -18.69 -0.77
N ILE A 33 -4.73 -18.67 -1.16
CA ILE A 33 -4.39 -18.57 -2.57
C ILE A 33 -4.19 -19.96 -3.15
N PRO A 34 -5.13 -20.39 -4.00
CA PRO A 34 -5.22 -21.77 -4.50
C PRO A 34 -3.96 -22.27 -5.21
N ASP A 35 -3.86 -23.59 -5.30
CA ASP A 35 -2.68 -24.23 -5.85
C ASP A 35 -2.40 -23.74 -7.27
N GLY A 36 -1.12 -23.62 -7.61
CA GLY A 36 -0.74 -23.37 -8.99
C GLY A 36 -0.84 -21.92 -9.41
N GLN A 37 -1.49 -21.09 -8.60
CA GLN A 37 -1.65 -19.68 -8.94
C GLN A 37 -0.37 -18.87 -8.76
N ILE A 38 0.42 -19.21 -7.74
CA ILE A 38 1.67 -18.49 -7.51
C ILE A 38 2.79 -19.04 -8.39
N THR A 39 3.66 -18.15 -8.87
CA THR A 39 4.77 -18.55 -9.74
C THR A 39 6.09 -18.15 -9.11
N VAL A 40 6.70 -19.09 -8.40
CA VAL A 40 7.97 -18.82 -7.70
C VAL A 40 9.07 -18.49 -8.70
N GLY A 41 9.98 -17.62 -8.30
CA GLY A 41 11.01 -17.16 -9.21
C GLY A 41 12.41 -17.15 -8.62
N GLN A 42 13.12 -16.05 -8.83
CA GLN A 42 14.47 -15.88 -8.31
C GLN A 42 14.47 -16.11 -6.81
N ARG A 43 15.57 -16.68 -6.30
CA ARG A 43 15.70 -16.90 -4.86
C ARG A 43 16.23 -15.62 -4.20
N ILE A 44 15.49 -15.12 -3.23
CA ILE A 44 15.80 -13.82 -2.66
C ILE A 44 16.69 -13.97 -1.43
N GLY A 45 16.25 -14.81 -0.50
CA GLY A 45 17.00 -15.06 0.72
C GLY A 45 16.21 -15.94 1.68
N SER A 46 16.83 -16.30 2.80
CA SER A 46 16.21 -17.21 3.78
C SER A 46 15.20 -16.51 4.69
N GLY A 47 14.00 -17.06 4.78
CA GLY A 47 12.98 -16.48 5.62
C GLY A 47 12.81 -17.23 6.92
N SER A 48 12.11 -16.62 7.87
CA SER A 48 11.87 -17.19 9.19
C SER A 48 11.70 -18.72 9.20
N PHE A 49 10.98 -19.23 8.21
CA PHE A 49 10.62 -20.65 8.21
C PHE A 49 11.25 -21.42 7.07
N GLY A 50 11.11 -20.90 5.85
CA GLY A 50 11.67 -21.60 4.71
C GLY A 50 12.66 -20.76 3.94
N THR A 51 12.17 -20.14 2.88
CA THR A 51 13.01 -19.32 2.03
C THR A 51 12.11 -18.33 1.31
N VAL A 52 12.61 -17.13 1.08
CA VAL A 52 11.83 -16.11 0.40
C VAL A 52 12.21 -15.99 -1.08
N TYR A 53 11.23 -16.19 -1.95
CA TYR A 53 11.44 -16.00 -3.38
C TYR A 53 10.63 -14.83 -3.88
N LYS A 54 11.15 -14.12 -4.88
CA LYS A 54 10.38 -13.07 -5.55
C LYS A 54 9.55 -13.70 -6.65
N GLY A 55 8.25 -13.80 -6.43
CA GLY A 55 7.39 -14.50 -7.37
C GLY A 55 6.41 -13.61 -8.09
N LYS A 56 5.39 -14.24 -8.67
CA LYS A 56 4.34 -13.53 -9.37
C LYS A 56 2.98 -14.05 -8.95
N TRP A 57 2.06 -13.13 -8.66
CA TRP A 57 0.68 -13.46 -8.37
C TRP A 57 -0.12 -12.17 -8.50
N HIS A 58 -0.67 -11.93 -9.69
CA HIS A 58 -1.23 -10.62 -10.01
C HIS A 58 -0.17 -9.57 -9.76
N GLY A 59 0.96 -9.71 -10.43
CA GLY A 59 2.05 -8.78 -10.26
C GLY A 59 3.14 -9.37 -9.37
N ASP A 60 4.29 -8.72 -9.35
CA ASP A 60 5.42 -9.17 -8.54
C ASP A 60 4.99 -9.30 -7.09
N VAL A 61 5.43 -10.38 -6.44
CA VAL A 61 5.19 -10.54 -5.02
C VAL A 61 6.39 -11.19 -4.38
N ALA A 62 6.38 -11.26 -3.06
CA ALA A 62 7.35 -12.08 -2.35
C ALA A 62 6.61 -13.29 -1.81
N VAL A 63 7.21 -14.47 -1.97
CA VAL A 63 6.65 -15.67 -1.39
C VAL A 63 7.63 -16.23 -0.38
N LYS A 64 7.20 -16.34 0.87
CA LYS A 64 7.99 -17.02 1.89
C LYS A 64 7.37 -18.40 2.07
N MET A 65 8.20 -19.44 1.98
CA MET A 65 7.70 -20.82 2.00
C MET A 65 8.36 -21.66 3.09
N LEU A 66 8.07 -22.97 3.07
CA LEU A 66 8.80 -23.93 3.89
C LEU A 66 9.52 -24.93 3.00
N ASN A 67 10.84 -24.99 3.12
CA ASN A 67 11.66 -25.81 2.23
C ASN A 67 11.38 -27.30 2.37
N VAL A 68 11.19 -27.76 3.61
CA VAL A 68 10.90 -29.18 3.85
C VAL A 68 9.42 -29.46 3.60
N THR A 69 9.12 -30.71 3.23
CA THR A 69 7.76 -31.13 2.95
C THR A 69 7.02 -31.52 4.23
N ALA A 70 7.79 -31.73 5.30
CA ALA A 70 7.22 -32.14 6.58
C ALA A 70 6.78 -30.94 7.41
N PRO A 71 5.46 -30.76 7.58
CA PRO A 71 4.91 -29.74 8.47
C PRO A 71 5.07 -30.11 9.94
N THR A 72 6.17 -29.70 10.56
CA THR A 72 6.33 -29.87 11.99
C THR A 72 5.14 -29.22 12.67
N PRO A 73 4.34 -29.99 13.42
CA PRO A 73 3.16 -29.43 14.06
C PRO A 73 3.48 -28.24 14.97
N GLN A 74 4.77 -28.07 15.27
CA GLN A 74 5.24 -26.91 16.03
C GLN A 74 5.63 -25.76 15.10
N GLN A 75 5.83 -26.08 13.82
CA GLN A 75 6.09 -25.07 12.80
C GLN A 75 4.78 -24.56 12.21
N LEU A 76 3.89 -25.47 11.87
CA LEU A 76 2.60 -25.09 11.30
C LEU A 76 1.89 -24.13 12.25
N GLN A 77 2.03 -24.37 13.55
CA GLN A 77 1.43 -23.48 14.53
C GLN A 77 1.99 -22.08 14.37
N ALA A 78 3.21 -22.00 13.84
CA ALA A 78 3.86 -20.71 13.62
C ALA A 78 3.35 -20.04 12.34
N PHE A 79 3.35 -20.79 11.24
CA PHE A 79 2.79 -20.29 10.00
C PHE A 79 1.36 -19.85 10.25
N LYS A 80 0.60 -20.72 10.89
CA LYS A 80 -0.79 -20.44 11.22
C LYS A 80 -0.86 -19.28 12.21
N ASN A 81 0.30 -18.81 12.66
CA ASN A 81 0.37 -17.67 13.57
C ASN A 81 0.73 -16.40 12.82
N GLU A 82 1.76 -16.48 11.98
CA GLU A 82 2.23 -15.34 11.20
C GLU A 82 1.11 -14.84 10.31
N VAL A 83 0.53 -15.75 9.54
CA VAL A 83 -0.67 -15.47 8.77
C VAL A 83 -1.73 -14.85 9.67
N GLY A 84 -1.78 -15.31 10.91
CA GLY A 84 -2.79 -14.81 11.83
C GLY A 84 -2.56 -13.37 12.21
N VAL A 85 -1.31 -12.93 12.10
CA VAL A 85 -0.94 -11.60 12.53
C VAL A 85 -0.98 -10.61 11.39
N LEU A 86 -0.37 -10.98 10.26
CA LEU A 86 -0.41 -10.14 9.08
C LEU A 86 -1.85 -9.81 8.76
N ARG A 87 -2.71 -10.81 8.86
CA ARG A 87 -4.13 -10.67 8.55
C ARG A 87 -4.78 -9.50 9.29
N LYS A 88 -4.22 -9.13 10.43
CA LYS A 88 -4.78 -8.06 11.26
C LYS A 88 -4.28 -6.71 10.80
N THR A 89 -3.14 -6.71 10.12
CA THR A 89 -2.49 -5.48 9.71
C THR A 89 -2.95 -5.04 8.32
N ARG A 90 -3.19 -3.74 8.17
CA ARG A 90 -3.69 -3.18 6.93
C ARG A 90 -3.50 -1.67 7.03
N HIS A 91 -2.38 -1.20 6.52
CA HIS A 91 -1.92 0.16 6.79
C HIS A 91 -0.69 0.43 5.93
N VAL A 92 -0.49 1.70 5.59
CA VAL A 92 0.48 2.07 4.56
C VAL A 92 1.92 1.73 4.93
N ASN A 93 2.20 1.62 6.23
CA ASN A 93 3.58 1.44 6.67
C ASN A 93 3.88 0.05 7.17
N ILE A 94 2.89 -0.83 7.17
CA ILE A 94 3.15 -2.24 7.43
C ILE A 94 3.17 -2.97 6.10
N LEU A 95 4.06 -3.96 6.00
CA LEU A 95 4.17 -4.75 4.77
C LEU A 95 2.81 -5.33 4.44
N LEU A 96 2.47 -5.35 3.14
CA LEU A 96 1.15 -5.83 2.77
C LEU A 96 1.09 -7.34 2.60
N PHE A 97 0.43 -8.00 3.54
CA PHE A 97 0.07 -9.41 3.39
C PHE A 97 -1.03 -9.51 2.33
N MET A 98 -0.84 -10.38 1.35
CA MET A 98 -1.81 -10.48 0.28
C MET A 98 -2.52 -11.83 0.26
N GLY A 99 -1.92 -12.84 0.88
CA GLY A 99 -2.55 -14.14 0.94
C GLY A 99 -1.61 -15.26 1.32
N TYR A 100 -2.16 -16.33 1.90
CA TYR A 100 -1.36 -17.49 2.29
C TYR A 100 -1.65 -18.68 1.42
N SER A 101 -0.80 -19.71 1.54
CA SER A 101 -0.98 -20.95 0.77
C SER A 101 -0.59 -22.15 1.59
N THR A 102 -1.47 -23.14 1.63
CA THR A 102 -1.20 -24.39 2.35
C THR A 102 -0.77 -25.48 1.37
N LYS A 103 -1.46 -25.54 0.23
CA LYS A 103 -1.07 -26.40 -0.87
C LYS A 103 0.45 -26.31 -1.08
N PRO A 104 1.02 -27.23 -1.87
CA PRO A 104 2.41 -27.66 -1.68
C PRO A 104 3.29 -26.68 -0.90
N GLN A 105 3.43 -26.94 0.39
CA GLN A 105 4.58 -26.48 1.20
C GLN A 105 4.27 -25.47 2.31
N LEU A 106 3.20 -24.70 2.16
CA LEU A 106 2.90 -23.56 3.04
C LEU A 106 3.67 -22.30 2.64
N ALA A 107 2.93 -21.26 2.29
CA ALA A 107 3.56 -20.01 1.90
C ALA A 107 2.76 -18.82 2.42
N ILE A 108 3.44 -17.69 2.52
CA ILE A 108 2.81 -16.43 2.89
C ILE A 108 3.29 -15.37 1.91
N VAL A 109 2.36 -14.70 1.26
CA VAL A 109 2.70 -13.77 0.20
C VAL A 109 2.51 -12.34 0.66
N THR A 110 3.54 -11.52 0.46
CA THR A 110 3.41 -10.10 0.69
C THR A 110 3.71 -9.37 -0.62
N GLN A 111 3.28 -8.12 -0.72
CA GLN A 111 3.67 -7.28 -1.83
C GLN A 111 5.17 -7.38 -2.00
N TRP A 112 5.65 -7.13 -3.22
CA TRP A 112 7.09 -7.04 -3.45
C TRP A 112 7.55 -5.60 -3.36
N CYS A 113 8.44 -5.34 -2.40
CA CYS A 113 8.95 -3.98 -2.20
C CYS A 113 10.15 -3.78 -3.09
N GLU A 114 10.10 -2.74 -3.92
CA GLU A 114 11.22 -2.42 -4.78
C GLU A 114 12.12 -1.42 -4.04
N GLY A 115 13.34 -1.84 -3.74
CA GLY A 115 14.23 -0.97 -2.98
C GLY A 115 15.17 -1.71 -2.05
N SER A 116 15.41 -1.14 -0.87
CA SER A 116 16.32 -1.74 0.09
C SER A 116 15.87 -1.49 1.54
N SER A 117 16.38 -2.31 2.46
CA SER A 117 16.13 -2.09 3.87
C SER A 117 16.95 -0.90 4.37
N LEU A 118 16.45 -0.23 5.40
CA LEU A 118 17.13 0.95 5.93
C LEU A 118 18.53 0.58 6.39
N TYR A 119 18.68 -0.64 6.89
CA TYR A 119 19.98 -1.15 7.32
C TYR A 119 20.92 -1.19 6.14
N HIS A 120 20.40 -1.61 5.00
CA HIS A 120 21.18 -1.67 3.78
C HIS A 120 21.59 -0.27 3.34
N HIS A 121 20.64 0.65 3.32
CA HIS A 121 20.93 2.02 2.92
C HIS A 121 21.99 2.61 3.82
N LEU A 122 21.79 2.44 5.12
CA LEU A 122 22.61 3.14 6.10
C LEU A 122 24.02 2.55 6.23
N HIS A 123 24.12 1.24 6.27
CA HIS A 123 25.35 0.60 6.71
C HIS A 123 26.11 -0.14 5.63
N ILE A 124 25.46 -0.41 4.51
CA ILE A 124 26.13 -1.11 3.43
C ILE A 124 26.50 -0.17 2.28
N ILE A 125 25.51 0.36 1.59
CA ILE A 125 25.77 1.26 0.47
C ILE A 125 26.02 2.67 0.98
N GLU A 126 25.84 2.86 2.28
CA GLU A 126 26.16 4.12 2.95
C GLU A 126 25.48 5.33 2.31
N THR A 127 24.24 5.14 1.87
CA THR A 127 23.42 6.26 1.38
C THR A 127 23.48 7.41 2.37
N LYS A 128 23.48 8.62 1.84
CA LYS A 128 23.48 9.82 2.68
C LYS A 128 22.14 10.53 2.55
N PHE A 129 21.35 10.49 3.61
CA PHE A 129 20.03 11.12 3.63
C PHE A 129 20.13 12.54 4.17
N GLU A 130 19.30 13.43 3.65
CA GLU A 130 19.20 14.78 4.20
C GLU A 130 18.29 14.76 5.42
N MET A 131 18.52 15.70 6.33
CA MET A 131 17.91 15.60 7.65
C MET A 131 16.40 15.43 7.54
N ILE A 132 15.81 15.99 6.50
CA ILE A 132 14.36 15.98 6.38
C ILE A 132 13.89 14.56 6.10
N LYS A 133 14.44 13.95 5.05
CA LYS A 133 14.08 12.58 4.70
C LYS A 133 14.36 11.65 5.87
N LEU A 134 15.39 11.95 6.65
CA LEU A 134 15.68 11.17 7.84
C LEU A 134 14.53 11.23 8.81
N ILE A 135 14.25 12.44 9.30
CA ILE A 135 13.17 12.65 10.26
C ILE A 135 11.92 11.94 9.77
N ASP A 136 11.72 11.95 8.46
CA ASP A 136 10.53 11.38 7.84
C ASP A 136 10.54 9.85 7.94
N ILE A 137 11.67 9.24 7.61
CA ILE A 137 11.80 7.80 7.74
C ILE A 137 11.54 7.44 9.18
N ALA A 138 12.01 8.29 10.08
CA ALA A 138 11.77 8.10 11.50
C ALA A 138 10.29 8.19 11.78
N ARG A 139 9.63 9.18 11.18
CA ARG A 139 8.23 9.45 11.48
C ARG A 139 7.32 8.39 10.93
N GLN A 140 7.66 7.84 9.77
CA GLN A 140 6.86 6.77 9.20
C GLN A 140 7.01 5.54 10.07
N THR A 141 8.25 5.18 10.37
CA THR A 141 8.51 4.02 11.20
C THR A 141 7.68 4.11 12.48
N ALA A 142 7.71 5.27 13.13
CA ALA A 142 6.93 5.50 14.35
C ALA A 142 5.45 5.38 14.03
N GLN A 143 5.03 6.05 12.98
CA GLN A 143 3.67 5.96 12.47
C GLN A 143 3.27 4.50 12.38
N GLY A 144 4.21 3.65 11.97
CA GLY A 144 3.91 2.26 11.69
C GLY A 144 3.74 1.45 12.95
N MET A 145 4.74 1.52 13.84
CA MET A 145 4.70 0.81 15.11
C MET A 145 3.43 1.16 15.85
N ASP A 146 3.08 2.45 15.84
CA ASP A 146 1.88 2.92 16.53
C ASP A 146 0.72 2.04 16.14
N TYR A 147 0.55 1.86 14.83
CA TYR A 147 -0.55 1.06 14.30
C TYR A 147 -0.49 -0.37 14.83
N LEU A 148 0.66 -1.01 14.69
CA LEU A 148 0.83 -2.36 15.18
C LEU A 148 0.44 -2.46 16.65
N HIS A 149 0.79 -1.43 17.40
CA HIS A 149 0.51 -1.42 18.83
C HIS A 149 -0.97 -1.19 19.12
N ALA A 150 -1.60 -0.26 18.41
CA ALA A 150 -3.01 -0.02 18.58
C ALA A 150 -3.77 -1.32 18.33
N LYS A 151 -3.23 -2.15 17.46
CA LYS A 151 -3.85 -3.42 17.15
C LYS A 151 -3.34 -4.48 18.13
N SER A 152 -2.66 -4.03 19.17
CA SER A 152 -2.11 -4.93 20.18
C SER A 152 -1.23 -6.00 19.55
N ILE A 153 -0.26 -5.54 18.76
CA ILE A 153 0.75 -6.42 18.18
C ILE A 153 2.11 -5.92 18.63
N ILE A 154 2.89 -6.77 19.30
CA ILE A 154 4.28 -6.45 19.57
C ILE A 154 5.08 -6.94 18.38
N HIS A 155 6.08 -6.19 17.95
CA HIS A 155 6.89 -6.67 16.84
C HIS A 155 7.96 -7.64 17.33
N ARG A 156 8.64 -7.27 18.42
CA ARG A 156 9.66 -8.12 19.04
C ARG A 156 10.98 -8.14 18.29
N ASP A 157 11.07 -7.41 17.19
CA ASP A 157 12.27 -7.44 16.38
C ASP A 157 12.37 -6.26 15.42
N LEU A 158 11.83 -5.12 15.84
CA LEU A 158 12.01 -3.90 15.07
C LEU A 158 13.51 -3.64 14.92
N LYS A 159 13.92 -3.23 13.71
CA LYS A 159 15.31 -2.88 13.46
C LYS A 159 15.52 -2.44 12.02
N SER A 160 16.59 -1.69 11.77
CA SER A 160 16.79 -1.10 10.47
C SER A 160 16.77 -2.15 9.37
N ASN A 161 16.93 -3.41 9.73
CA ASN A 161 16.91 -4.47 8.74
C ASN A 161 15.47 -4.75 8.35
N ASN A 162 14.57 -4.61 9.32
CA ASN A 162 13.15 -4.89 9.10
C ASN A 162 12.37 -3.64 8.74
N ILE A 163 13.07 -2.54 8.49
CA ILE A 163 12.42 -1.34 8.00
C ILE A 163 12.79 -1.17 6.54
N PHE A 164 11.82 -1.33 5.66
CA PHE A 164 12.08 -1.30 4.21
C PHE A 164 11.66 0.04 3.60
N LEU A 165 12.58 0.66 2.86
CA LEU A 165 12.26 1.91 2.17
C LEU A 165 11.73 1.66 0.76
N HIS A 166 10.44 1.38 0.66
CA HIS A 166 9.85 0.97 -0.61
C HIS A 166 9.89 2.11 -1.61
N GLU A 167 10.70 1.94 -2.66
CA GLU A 167 10.83 2.97 -3.69
C GLU A 167 11.51 4.20 -3.09
N ASP A 168 12.32 3.97 -2.05
CA ASP A 168 13.16 5.01 -1.46
C ASP A 168 12.42 5.98 -0.55
N LEU A 169 11.09 5.97 -0.62
CA LEU A 169 10.27 6.61 0.40
C LEU A 169 9.28 5.58 0.91
N THR A 170 8.32 6.00 1.72
CA THR A 170 7.27 5.09 2.15
C THR A 170 7.89 3.92 2.91
N VAL A 171 8.22 4.13 4.17
CA VAL A 171 8.71 3.06 5.03
C VAL A 171 7.71 1.91 5.06
N LYS A 172 8.21 0.69 4.87
CA LYS A 172 7.37 -0.47 5.01
C LYS A 172 7.97 -1.37 6.10
N ILE A 173 7.26 -1.48 7.22
CA ILE A 173 7.72 -2.35 8.30
C ILE A 173 7.25 -3.77 8.08
N GLY A 174 8.13 -4.72 8.36
CA GLY A 174 7.75 -6.12 8.34
C GLY A 174 8.77 -6.91 9.12
N ASP A 175 8.62 -8.22 9.18
CA ASP A 175 9.63 -9.04 9.84
C ASP A 175 10.29 -9.95 8.81
N PHE A 176 11.06 -9.33 7.91
CA PHE A 176 11.58 -10.04 6.75
C PHE A 176 12.47 -11.22 7.12
N GLY A 177 13.04 -11.17 8.32
CA GLY A 177 13.92 -12.24 8.75
C GLY A 177 15.27 -12.12 8.08
N LEU A 178 15.74 -13.22 7.50
CA LEU A 178 17.11 -13.26 6.97
C LEU A 178 17.18 -12.86 5.50
N ALA A 179 16.04 -12.83 4.81
CA ALA A 179 15.96 -12.02 3.60
C ALA A 179 16.16 -10.60 4.12
N THR A 180 16.89 -9.77 3.37
CA THR A 180 17.32 -8.43 3.81
C THR A 180 18.66 -8.44 4.52
N VAL A 181 19.72 -8.77 3.79
CA VAL A 181 21.07 -8.35 4.23
C VAL A 181 21.64 -9.20 5.37
N LYS A 182 21.42 -8.76 6.62
CA LYS A 182 22.16 -9.21 7.77
C LYS A 182 21.34 -8.97 9.03
N LEU A 194 19.17 -19.84 16.57
CA LEU A 194 19.32 -19.66 18.01
C LEU A 194 19.93 -18.29 18.36
N SER A 195 20.61 -17.68 17.39
CA SER A 195 21.35 -16.45 17.62
C SER A 195 20.43 -15.28 18.01
N GLY A 196 20.38 -14.26 17.17
CA GLY A 196 19.57 -13.09 17.47
C GLY A 196 20.23 -11.79 17.07
N SER A 197 19.47 -10.71 17.16
CA SER A 197 19.95 -9.37 16.84
C SER A 197 20.06 -8.60 18.16
N ILE A 198 21.29 -8.40 18.62
CA ILE A 198 21.53 -7.89 19.96
C ILE A 198 21.27 -6.40 20.06
N LEU A 199 21.73 -5.66 19.06
CA LEU A 199 21.80 -4.21 19.15
C LEU A 199 20.49 -3.53 19.51
N TRP A 200 19.37 -4.03 19.00
CA TRP A 200 18.10 -3.36 19.24
C TRP A 200 17.33 -3.82 20.48
N MET A 201 17.78 -4.90 21.12
CA MET A 201 17.14 -5.37 22.34
C MET A 201 17.34 -4.39 23.49
N ALA A 202 16.23 -3.99 24.12
CA ALA A 202 16.30 -3.28 25.38
C ALA A 202 16.84 -4.24 26.43
N PRO A 203 17.47 -3.71 27.49
CA PRO A 203 18.10 -4.59 28.46
C PRO A 203 17.20 -5.73 28.93
N GLU A 204 16.03 -5.40 29.46
CA GLU A 204 15.19 -6.43 30.06
C GLU A 204 15.15 -7.65 29.16
N VAL A 205 15.04 -7.40 27.85
CA VAL A 205 15.06 -8.48 26.87
C VAL A 205 16.39 -9.20 26.85
N ILE A 206 17.47 -8.43 26.80
CA ILE A 206 18.78 -9.01 26.62
C ILE A 206 19.09 -9.89 27.82
N ARG A 207 18.46 -9.58 28.96
CA ARG A 207 18.64 -10.40 30.16
C ARG A 207 17.89 -11.72 30.04
N MET A 208 16.63 -11.65 29.62
CA MET A 208 15.68 -12.74 29.79
C MET A 208 15.30 -12.83 31.25
N GLN A 209 14.74 -11.74 31.75
CA GLN A 209 14.25 -11.64 33.11
C GLN A 209 13.13 -12.66 33.33
N ASP A 210 11.90 -12.23 33.10
CA ASP A 210 10.73 -13.01 33.48
C ASP A 210 10.08 -13.79 32.33
N LYS A 211 10.91 -14.43 31.51
CA LYS A 211 10.44 -15.38 30.50
C LYS A 211 9.62 -14.74 29.37
N ASN A 212 8.79 -13.74 29.71
CA ASN A 212 8.20 -12.86 28.70
C ASN A 212 8.58 -11.41 28.97
N PRO A 213 9.75 -10.99 28.46
CA PRO A 213 10.29 -9.64 28.62
C PRO A 213 9.67 -8.63 27.65
N TYR A 214 9.09 -9.14 26.57
CA TYR A 214 8.68 -8.29 25.46
C TYR A 214 7.46 -7.43 25.77
N SER A 215 7.52 -6.17 25.35
CA SER A 215 6.42 -5.25 25.57
C SER A 215 6.40 -4.15 24.51
N PHE A 216 5.39 -3.29 24.59
CA PHE A 216 5.35 -2.09 23.77
C PHE A 216 6.63 -1.30 23.98
N GLN A 217 7.01 -1.08 25.23
CA GLN A 217 8.24 -0.36 25.54
C GLN A 217 9.46 -1.11 25.03
N SER A 218 9.35 -2.43 24.96
CA SER A 218 10.39 -3.23 24.33
C SER A 218 10.63 -2.62 22.96
N ASP A 219 9.57 -2.56 22.17
CA ASP A 219 9.66 -2.04 20.82
C ASP A 219 10.22 -0.64 20.84
N VAL A 220 9.68 0.20 21.72
CA VAL A 220 10.11 1.60 21.78
C VAL A 220 11.62 1.73 21.87
N TYR A 221 12.26 0.86 22.64
CA TYR A 221 13.71 0.87 22.70
C TYR A 221 14.30 0.53 21.34
N ALA A 222 13.91 -0.61 20.78
CA ALA A 222 14.36 -1.00 19.45
C ALA A 222 14.23 0.22 18.52
N PHE A 223 13.12 0.93 18.65
CA PHE A 223 12.91 2.12 17.85
C PHE A 223 13.96 3.15 18.20
N GLY A 224 14.30 3.23 19.49
CA GLY A 224 15.30 4.18 19.92
C GLY A 224 16.63 3.96 19.23
N ILE A 225 17.04 2.70 19.13
CA ILE A 225 18.28 2.37 18.45
C ILE A 225 18.16 2.70 16.97
N VAL A 226 16.98 2.48 16.39
CA VAL A 226 16.77 2.89 15.02
C VAL A 226 16.97 4.38 14.89
N LEU A 227 16.34 5.16 15.78
CA LEU A 227 16.56 6.60 15.78
C LEU A 227 18.06 6.84 15.82
N TYR A 228 18.72 6.18 16.76
CA TYR A 228 20.15 6.36 16.92
C TYR A 228 20.88 6.08 15.61
N GLU A 229 20.45 5.07 14.87
CA GLU A 229 21.07 4.74 13.59
C GLU A 229 20.88 5.88 12.60
N LEU A 230 19.66 6.38 12.51
CA LEU A 230 19.33 7.42 11.56
C LEU A 230 20.11 8.68 11.88
N MET A 231 20.25 8.98 13.17
CA MET A 231 20.86 10.23 13.60
C MET A 231 22.39 10.21 13.63
N THR A 232 23.00 9.04 13.48
CA THR A 232 24.44 8.94 13.49
C THR A 232 24.95 8.12 12.33
N GLY A 233 24.02 7.60 11.53
CA GLY A 233 24.40 6.76 10.40
C GLY A 233 25.21 5.54 10.79
N GLN A 234 25.32 5.29 12.09
CA GLN A 234 26.08 4.15 12.59
C GLN A 234 25.21 3.20 13.41
N LEU A 235 25.71 1.99 13.61
CA LEU A 235 25.15 1.09 14.61
C LEU A 235 25.78 1.41 15.96
N PRO A 236 25.11 1.04 17.06
CA PRO A 236 25.67 1.30 18.38
C PRO A 236 26.88 0.40 18.67
N TYR A 237 27.74 0.85 19.58
CA TYR A 237 28.86 0.05 20.07
C TYR A 237 29.71 -0.53 18.96
N SER A 238 30.19 0.32 18.06
CA SER A 238 31.06 -0.15 16.99
C SER A 238 32.50 -0.33 17.47
N ASN A 239 32.86 0.29 18.60
CA ASN A 239 34.21 0.20 19.14
C ASN A 239 34.41 -1.03 20.01
N ILE A 240 33.36 -1.82 20.19
CA ILE A 240 33.45 -3.07 20.93
C ILE A 240 33.28 -4.25 19.99
N ASN A 241 34.26 -5.14 19.96
CA ASN A 241 34.26 -6.24 19.02
C ASN A 241 33.96 -7.57 19.69
N ASN A 242 33.23 -7.52 20.80
CA ASN A 242 32.86 -8.74 21.48
C ASN A 242 31.37 -8.81 21.83
N ARG A 243 30.67 -9.68 21.13
CA ARG A 243 29.22 -9.79 21.21
C ARG A 243 28.76 -10.03 22.64
N ASP A 244 29.39 -11.02 23.30
CA ASP A 244 28.98 -11.42 24.63
C ASP A 244 29.10 -10.25 25.60
N GLN A 245 30.21 -9.53 25.51
CA GLN A 245 30.43 -8.39 26.39
C GLN A 245 29.39 -7.30 26.14
N ILE A 246 29.00 -7.14 24.89
CA ILE A 246 27.96 -6.19 24.55
C ILE A 246 26.67 -6.65 25.19
N ILE A 247 26.33 -7.92 24.98
CA ILE A 247 25.13 -8.48 25.59
C ILE A 247 25.19 -8.28 27.09
N PHE A 248 26.32 -8.63 27.69
CA PHE A 248 26.44 -8.61 29.14
C PHE A 248 26.25 -7.21 29.70
N MET A 249 27.00 -6.26 29.14
CA MET A 249 27.03 -4.91 29.70
C MET A 249 25.74 -4.18 29.47
N VAL A 250 25.25 -4.22 28.23
CA VAL A 250 23.95 -3.66 27.91
C VAL A 250 22.88 -4.22 28.83
N GLY A 251 23.12 -5.44 29.34
CA GLY A 251 22.20 -6.05 30.26
C GLY A 251 22.34 -5.49 31.66
N ARG A 252 23.57 -5.43 32.14
CA ARG A 252 23.82 -4.88 33.47
C ARG A 252 23.63 -3.36 33.45
N GLY A 253 23.44 -2.81 32.26
CA GLY A 253 23.28 -1.38 32.13
C GLY A 253 24.59 -0.64 32.32
N TYR A 254 25.69 -1.28 31.99
CA TYR A 254 27.01 -0.67 32.07
C TYR A 254 27.32 0.04 30.76
N LEU A 255 26.76 -0.49 29.67
CA LEU A 255 26.93 0.12 28.36
C LEU A 255 25.61 0.63 27.82
N SER A 256 25.68 1.72 27.07
CA SER A 256 24.52 2.22 26.34
C SER A 256 25.00 3.05 25.16
N PRO A 257 24.12 3.34 24.20
CA PRO A 257 24.52 4.07 23.00
C PRO A 257 25.19 5.41 23.29
N ASP A 258 26.24 5.73 22.52
CA ASP A 258 26.97 6.98 22.66
C ASP A 258 26.24 8.12 21.96
N LEU A 259 25.34 8.77 22.67
CA LEU A 259 24.48 9.78 22.05
C LEU A 259 25.24 11.01 21.58
N SER A 260 26.49 11.15 22.00
CA SER A 260 27.26 12.33 21.63
C SER A 260 27.80 12.20 20.21
N LYS A 261 27.29 11.20 19.48
CA LYS A 261 27.71 11.00 18.10
C LYS A 261 26.66 11.46 17.11
N VAL A 262 25.58 12.05 17.60
CA VAL A 262 24.52 12.53 16.71
C VAL A 262 25.06 13.54 15.71
N ARG A 263 24.62 13.42 14.47
CA ARG A 263 25.04 14.33 13.41
C ARG A 263 24.85 15.78 13.87
N SER A 264 25.80 16.64 13.50
CA SER A 264 25.86 18.01 14.02
C SER A 264 24.53 18.77 13.96
N ASN A 265 23.75 18.50 12.91
CA ASN A 265 22.55 19.29 12.62
C ASN A 265 21.27 18.71 13.19
N CYS A 266 21.38 17.59 13.91
CA CYS A 266 20.20 16.94 14.50
C CYS A 266 19.51 17.88 15.48
N PRO A 267 18.16 17.96 15.41
CA PRO A 267 17.36 18.79 16.31
C PRO A 267 17.43 18.34 17.76
N LYS A 268 17.64 19.28 18.68
CA LYS A 268 17.82 18.95 20.10
C LYS A 268 16.66 18.16 20.67
N ALA A 269 15.54 18.14 19.96
CA ALA A 269 14.36 17.40 20.41
C ALA A 269 14.41 15.95 19.92
N MET A 270 15.05 15.73 18.78
CA MET A 270 15.28 14.38 18.29
C MET A 270 16.23 13.67 19.26
N LYS A 271 17.30 14.36 19.62
CA LYS A 271 18.28 13.82 20.55
C LYS A 271 17.63 13.60 21.92
N ARG A 272 16.78 14.52 22.33
CA ARG A 272 16.13 14.45 23.64
C ARG A 272 15.17 13.27 23.65
N LEU A 273 14.51 13.06 22.53
CA LEU A 273 13.57 11.94 22.38
C LEU A 273 14.32 10.62 22.33
N MET A 274 15.44 10.63 21.63
CA MET A 274 16.23 9.43 21.45
C MET A 274 16.47 8.78 22.81
N ALA A 275 16.78 9.60 23.81
CA ALA A 275 17.17 9.09 25.11
C ALA A 275 15.96 8.59 25.88
N GLU A 276 14.85 9.31 25.77
CA GLU A 276 13.63 8.89 26.45
C GLU A 276 13.20 7.52 25.96
N CYS A 277 13.60 7.17 24.74
CA CYS A 277 13.25 5.87 24.19
C CYS A 277 14.23 4.79 24.60
N LEU A 278 15.46 5.17 24.86
CA LEU A 278 16.49 4.19 25.16
C LEU A 278 16.71 4.03 26.67
N LYS A 279 15.74 4.48 27.46
CA LYS A 279 15.86 4.43 28.92
C LYS A 279 15.95 3.00 29.39
N LYS A 280 16.92 2.73 30.27
CA LYS A 280 17.21 1.36 30.70
C LYS A 280 16.07 0.78 31.54
N LYS A 281 15.23 1.64 32.08
CA LYS A 281 14.09 1.19 32.87
C LYS A 281 12.85 1.10 31.99
N ARG A 282 12.33 -0.12 31.84
CA ARG A 282 11.17 -0.39 31.00
C ARG A 282 10.12 0.70 31.10
N ASP A 283 9.73 1.04 32.33
CA ASP A 283 8.54 1.83 32.57
C ASP A 283 8.76 3.33 32.45
N GLU A 284 9.99 3.73 32.15
CA GLU A 284 10.29 5.15 32.01
C GLU A 284 10.23 5.56 30.55
N ARG A 285 10.02 4.59 29.67
CA ARG A 285 10.00 4.84 28.23
C ARG A 285 8.63 5.35 27.79
N PRO A 286 8.60 6.19 26.74
CA PRO A 286 7.37 6.65 26.10
C PRO A 286 6.77 5.58 25.18
N LEU A 287 5.45 5.49 25.16
CA LEU A 287 4.76 4.69 24.16
C LEU A 287 4.56 5.52 22.89
N PHE A 288 4.18 4.85 21.81
CA PHE A 288 4.31 5.45 20.49
C PHE A 288 3.39 6.61 20.17
N PRO A 289 2.14 6.60 20.68
CA PRO A 289 1.29 7.75 20.38
C PRO A 289 1.93 9.07 20.81
N GLN A 290 2.70 9.02 21.89
CA GLN A 290 3.47 10.19 22.31
C GLN A 290 4.70 10.38 21.45
N ILE A 291 5.42 9.28 21.20
CA ILE A 291 6.62 9.31 20.37
C ILE A 291 6.29 9.90 19.01
N LEU A 292 5.17 9.45 18.46
CA LEU A 292 4.77 9.83 17.13
C LEU A 292 4.57 11.34 17.13
N ALA A 293 3.84 11.83 18.13
CA ALA A 293 3.52 13.24 18.20
C ALA A 293 4.78 14.07 18.44
N SER A 294 5.66 13.60 19.32
CA SER A 294 6.90 14.32 19.57
C SER A 294 7.70 14.48 18.28
N ILE A 295 7.43 13.62 17.30
CA ILE A 295 8.11 13.70 16.01
C ILE A 295 7.39 14.64 15.05
N GLU A 296 6.09 14.48 14.92
CA GLU A 296 5.29 15.31 14.04
C GLU A 296 5.38 16.77 14.46
N LEU A 297 5.89 17.00 15.67
CA LEU A 297 6.08 18.34 16.19
C LEU A 297 7.44 18.89 15.76
N LEU A 298 8.48 18.12 16.00
CA LEU A 298 9.84 18.56 15.68
C LEU A 298 10.05 18.62 14.17
N ALA A 299 9.22 17.89 13.43
CA ALA A 299 9.34 17.83 11.98
C ALA A 299 8.63 19.02 11.34
N ARG A 300 7.79 19.67 12.13
CA ARG A 300 6.98 20.78 11.65
C ARG A 300 7.77 22.09 11.69
N SER A 301 8.89 22.07 12.40
CA SER A 301 9.68 23.28 12.62
C SER A 301 11.18 23.08 12.47
N LEU A 302 11.64 22.98 11.23
CA LEU A 302 13.08 22.93 10.94
C LEU A 302 13.45 23.03 9.45
N PRO A 303 12.48 23.36 8.56
CA PRO A 303 12.87 23.49 7.16
C PRO A 303 14.00 24.49 6.95
N LYS A 304 14.31 25.24 8.01
CA LYS A 304 15.49 26.10 8.03
C LYS A 304 16.59 25.42 8.85
N ASP B 29 -12.12 -11.52 10.93
CA ASP B 29 -11.42 -10.36 11.56
C ASP B 29 -12.37 -9.18 11.78
N ASP B 30 -11.88 -8.18 12.50
CA ASP B 30 -12.67 -6.97 12.74
C ASP B 30 -11.89 -5.73 12.32
N TRP B 31 -12.52 -4.89 11.51
CA TRP B 31 -11.92 -3.66 11.04
C TRP B 31 -12.67 -2.47 11.61
N GLU B 32 -13.56 -2.73 12.56
CA GLU B 32 -14.30 -1.66 13.20
C GLU B 32 -13.33 -0.72 13.88
N ILE B 33 -13.31 0.53 13.44
CA ILE B 33 -12.47 1.53 14.06
C ILE B 33 -13.26 2.30 15.09
N PRO B 34 -12.97 2.06 16.38
CA PRO B 34 -13.76 2.54 17.51
C PRO B 34 -13.97 4.06 17.54
N ASP B 35 -14.99 4.47 18.28
CA ASP B 35 -15.38 5.87 18.33
C ASP B 35 -14.23 6.74 18.80
N GLY B 36 -14.13 7.95 18.25
CA GLY B 36 -13.20 8.93 18.76
C GLY B 36 -11.77 8.77 18.27
N GLN B 37 -11.47 7.63 17.65
CA GLN B 37 -10.12 7.36 17.17
C GLN B 37 -9.78 8.16 15.91
N ILE B 38 -10.75 8.35 15.03
CA ILE B 38 -10.50 9.08 13.80
C ILE B 38 -10.63 10.59 14.05
N THR B 39 -9.77 11.36 13.38
CA THR B 39 -9.78 12.81 13.55
C THR B 39 -10.04 13.49 12.21
N VAL B 40 -11.30 13.85 11.96
CA VAL B 40 -11.69 14.44 10.68
C VAL B 40 -11.01 15.80 10.52
N GLY B 41 -10.68 16.14 9.28
CA GLY B 41 -9.96 17.36 9.02
C GLY B 41 -10.52 18.19 7.89
N GLN B 42 -9.63 18.65 7.01
CA GLN B 42 -10.01 19.46 5.86
C GLN B 42 -11.07 18.73 5.04
N ARG B 43 -11.99 19.48 4.44
CA ARG B 43 -13.02 18.89 3.58
C ARG B 43 -12.46 18.71 2.17
N ILE B 44 -12.50 17.48 1.68
CA ILE B 44 -11.81 17.14 0.44
C ILE B 44 -12.71 17.19 -0.81
N GLY B 45 -13.65 16.26 -0.89
CA GLY B 45 -14.59 16.25 -2.00
C GLY B 45 -16.01 16.23 -1.46
N SER B 46 -16.90 16.98 -2.10
CA SER B 46 -18.29 17.03 -1.67
C SER B 46 -19.18 16.35 -2.70
N GLY B 47 -20.22 15.69 -2.24
CA GLY B 47 -21.01 14.87 -3.14
C GLY B 47 -22.47 14.73 -2.77
N SER B 48 -23.29 14.39 -3.76
CA SER B 48 -24.73 14.32 -3.57
C SER B 48 -25.05 13.24 -2.56
N PHE B 49 -24.28 12.16 -2.58
CA PHE B 49 -24.29 11.17 -1.50
C PHE B 49 -22.88 10.93 -0.97
N GLY B 50 -22.65 11.30 0.29
CA GLY B 50 -21.37 11.04 0.90
C GLY B 50 -20.36 12.17 0.75
N THR B 51 -19.57 12.39 1.80
CA THR B 51 -18.56 13.45 1.82
C THR B 51 -17.22 12.91 2.33
N VAL B 52 -16.14 13.29 1.66
CA VAL B 52 -14.81 12.77 1.98
C VAL B 52 -13.91 13.83 2.62
N TYR B 53 -13.41 13.53 3.81
CA TYR B 53 -12.48 14.43 4.48
C TYR B 53 -11.10 13.76 4.57
N LYS B 54 -10.04 14.57 4.53
CA LYS B 54 -8.71 14.05 4.78
C LYS B 54 -8.44 14.09 6.27
N GLY B 55 -8.40 12.92 6.90
CA GLY B 55 -8.30 12.86 8.35
C GLY B 55 -7.03 12.24 8.86
N LYS B 56 -7.04 11.85 10.13
CA LYS B 56 -5.89 11.20 10.74
C LYS B 56 -6.33 9.97 11.51
N TRP B 57 -5.59 8.88 11.34
CA TRP B 57 -5.83 7.66 12.09
C TRP B 57 -4.60 6.78 11.88
N HIS B 58 -3.63 6.92 12.79
CA HIS B 58 -2.30 6.35 12.57
C HIS B 58 -1.78 6.85 11.23
N GLY B 59 -1.69 8.17 11.11
CA GLY B 59 -1.22 8.75 9.87
C GLY B 59 -2.36 9.29 9.06
N ASP B 60 -2.03 10.09 8.05
CA ASP B 60 -3.04 10.70 7.19
C ASP B 60 -3.92 9.60 6.59
N VAL B 61 -5.23 9.86 6.53
CA VAL B 61 -6.14 8.95 5.87
C VAL B 61 -7.22 9.74 5.19
N ALA B 62 -8.04 9.06 4.41
CA ALA B 62 -9.26 9.67 3.90
C ALA B 62 -10.44 9.03 4.63
N VAL B 63 -11.37 9.86 5.08
CA VAL B 63 -12.58 9.36 5.69
C VAL B 63 -13.78 9.76 4.82
N LYS B 64 -14.51 8.77 4.33
CA LYS B 64 -15.78 9.03 3.65
C LYS B 64 -16.90 8.73 4.64
N MET B 65 -17.81 9.67 4.82
CA MET B 65 -18.83 9.54 5.85
C MET B 65 -20.25 9.67 5.29
N LEU B 66 -21.23 9.72 6.19
CA LEU B 66 -22.60 10.09 5.82
C LEU B 66 -23.02 11.36 6.54
N ASN B 67 -23.35 12.40 5.76
CA ASN B 67 -23.62 13.72 6.34
C ASN B 67 -24.85 13.73 7.25
N VAL B 68 -25.89 13.00 6.85
CA VAL B 68 -27.12 12.95 7.64
C VAL B 68 -26.96 11.93 8.77
N THR B 69 -27.70 12.15 9.85
CA THR B 69 -27.65 11.26 11.01
C THR B 69 -28.59 10.07 10.83
N ALA B 70 -29.50 10.18 9.86
CA ALA B 70 -30.47 9.12 9.60
C ALA B 70 -29.91 8.06 8.65
N PRO B 71 -29.65 6.85 9.17
CA PRO B 71 -29.26 5.72 8.33
C PRO B 71 -30.44 5.15 7.54
N THR B 72 -30.62 5.63 6.33
CA THR B 72 -31.63 5.05 5.43
C THR B 72 -31.30 3.57 5.29
N PRO B 73 -32.23 2.69 5.70
CA PRO B 73 -31.94 1.26 5.63
C PRO B 73 -31.57 0.80 4.22
N GLN B 74 -31.83 1.66 3.24
CA GLN B 74 -31.41 1.41 1.87
C GLN B 74 -30.00 1.96 1.59
N GLN B 75 -29.56 2.88 2.44
CA GLN B 75 -28.19 3.40 2.37
C GLN B 75 -27.23 2.52 3.18
N LEU B 76 -27.62 2.18 4.39
CA LEU B 76 -26.78 1.33 5.23
C LEU B 76 -26.45 0.05 4.49
N GLN B 77 -27.41 -0.47 3.73
CA GLN B 77 -27.17 -1.67 2.95
C GLN B 77 -26.04 -1.43 1.96
N ALA B 78 -25.86 -0.16 1.59
CA ALA B 78 -24.81 0.21 0.65
C ALA B 78 -23.47 0.31 1.35
N PHE B 79 -23.43 1.06 2.45
CA PHE B 79 -22.22 1.14 3.27
C PHE B 79 -21.80 -0.26 3.64
N LYS B 80 -22.75 -1.04 4.12
CA LYS B 80 -22.47 -2.41 4.55
C LYS B 80 -22.10 -3.24 3.31
N ASN B 81 -22.17 -2.61 2.14
CA ASN B 81 -21.80 -3.28 0.90
C ASN B 81 -20.40 -2.87 0.44
N GLU B 82 -20.14 -1.56 0.46
CA GLU B 82 -18.86 -1.01 0.04
C GLU B 82 -17.75 -1.57 0.94
N VAL B 83 -17.96 -1.46 2.25
CA VAL B 83 -17.09 -2.08 3.22
C VAL B 83 -16.95 -3.55 2.90
N GLY B 84 -18.04 -4.15 2.43
CA GLY B 84 -18.01 -5.57 2.12
C GLY B 84 -17.10 -5.88 0.93
N VAL B 85 -16.88 -4.89 0.08
CA VAL B 85 -16.12 -5.11 -1.14
C VAL B 85 -14.65 -4.75 -0.95
N LEU B 86 -14.40 -3.58 -0.38
CA LEU B 86 -13.04 -3.17 -0.09
C LEU B 86 -12.35 -4.25 0.73
N ARG B 87 -13.08 -4.80 1.68
CA ARG B 87 -12.57 -5.82 2.58
C ARG B 87 -11.96 -7.01 1.83
N LYS B 88 -12.41 -7.22 0.60
CA LYS B 88 -11.93 -8.35 -0.20
C LYS B 88 -10.65 -7.98 -0.96
N THR B 89 -10.45 -6.69 -1.14
CA THR B 89 -9.33 -6.22 -1.94
C THR B 89 -8.12 -5.95 -1.06
N ARG B 90 -6.95 -6.34 -1.56
CA ARG B 90 -5.70 -6.22 -0.84
C ARG B 90 -4.57 -6.43 -1.84
N HIS B 91 -4.08 -5.34 -2.40
CA HIS B 91 -3.22 -5.40 -3.57
C HIS B 91 -2.70 -4.00 -3.86
N VAL B 92 -1.53 -3.92 -4.48
CA VAL B 92 -0.80 -2.67 -4.58
C VAL B 92 -1.51 -1.62 -5.42
N ASN B 93 -2.38 -2.06 -6.31
CA ASN B 93 -3.01 -1.13 -7.23
C ASN B 93 -4.48 -0.85 -6.94
N ILE B 94 -5.02 -1.47 -5.90
CA ILE B 94 -6.32 -1.08 -5.40
C ILE B 94 -6.15 -0.18 -4.19
N LEU B 95 -7.01 0.82 -4.05
CA LEU B 95 -6.97 1.73 -2.91
C LEU B 95 -7.02 0.91 -1.62
N LEU B 96 -6.25 1.31 -0.62
CA LEU B 96 -6.21 0.51 0.60
C LEU B 96 -7.32 0.87 1.58
N PHE B 97 -8.29 -0.01 1.71
CA PHE B 97 -9.26 0.09 2.79
C PHE B 97 -8.57 -0.22 4.11
N MET B 98 -8.73 0.64 5.10
CA MET B 98 -8.03 0.43 6.36
C MET B 98 -8.98 0.14 7.52
N GLY B 99 -10.24 0.52 7.37
CA GLY B 99 -11.22 0.24 8.41
C GLY B 99 -12.50 1.04 8.24
N TYR B 100 -13.61 0.52 8.79
CA TYR B 100 -14.87 1.22 8.75
C TYR B 100 -15.28 1.70 10.14
N SER B 101 -16.30 2.55 10.18
CA SER B 101 -16.82 3.07 11.43
C SER B 101 -18.34 3.21 11.39
N THR B 102 -19.02 2.68 12.40
CA THR B 102 -20.47 2.79 12.49
C THR B 102 -20.84 3.88 13.48
N LYS B 103 -20.11 3.94 14.60
CA LYS B 103 -20.24 5.03 15.57
C LYS B 103 -20.29 6.35 14.82
N PRO B 104 -20.67 7.45 15.51
CA PRO B 104 -21.35 8.58 14.88
C PRO B 104 -21.15 8.70 13.36
N GLN B 105 -22.14 8.20 12.62
CA GLN B 105 -22.39 8.59 11.23
C GLN B 105 -22.18 7.54 10.14
N LEU B 106 -21.30 6.58 10.38
CA LEU B 106 -20.87 5.63 9.35
C LEU B 106 -19.75 6.20 8.49
N ALA B 107 -18.59 5.57 8.53
CA ALA B 107 -17.46 6.02 7.72
C ALA B 107 -16.67 4.84 7.17
N ILE B 108 -15.93 5.11 6.11
CA ILE B 108 -15.05 4.13 5.49
C ILE B 108 -13.70 4.81 5.26
N VAL B 109 -12.66 4.24 5.84
CA VAL B 109 -11.35 4.87 5.79
C VAL B 109 -10.43 4.16 4.82
N THR B 110 -9.83 4.93 3.91
CA THR B 110 -8.78 4.41 3.05
C THR B 110 -7.51 5.19 3.31
N GLN B 111 -6.38 4.61 2.92
CA GLN B 111 -5.11 5.34 2.93
C GLN B 111 -5.34 6.69 2.26
N TRP B 112 -4.53 7.68 2.62
CA TRP B 112 -4.55 8.95 1.92
C TRP B 112 -3.53 8.98 0.79
N CYS B 113 -4.00 9.12 -0.43
CA CYS B 113 -3.11 9.16 -1.58
C CYS B 113 -2.62 10.58 -1.80
N GLU B 114 -1.31 10.76 -1.83
CA GLU B 114 -0.74 12.07 -2.10
C GLU B 114 -0.51 12.19 -3.60
N GLY B 115 -1.24 13.10 -4.24
CA GLY B 115 -1.10 13.27 -5.68
C GLY B 115 -2.38 13.72 -6.36
N SER B 116 -2.64 13.15 -7.54
CA SER B 116 -3.83 13.51 -8.30
C SER B 116 -4.38 12.34 -9.09
N SER B 117 -5.66 12.42 -9.46
CA SER B 117 -6.25 11.43 -10.35
C SER B 117 -5.74 11.59 -11.77
N LEU B 118 -5.71 10.50 -12.52
CA LEU B 118 -5.19 10.52 -13.87
C LEU B 118 -5.96 11.52 -14.71
N TYR B 119 -7.26 11.64 -14.41
CA TYR B 119 -8.13 12.60 -15.10
C TYR B 119 -7.61 14.00 -14.88
N HIS B 120 -7.19 14.26 -13.65
CA HIS B 120 -6.67 15.57 -13.27
C HIS B 120 -5.38 15.83 -14.01
N HIS B 121 -4.48 14.86 -13.99
CA HIS B 121 -3.20 15.03 -14.67
C HIS B 121 -3.42 15.30 -16.14
N LEU B 122 -4.27 14.48 -16.75
CA LEU B 122 -4.41 14.49 -18.20
C LEU B 122 -5.18 15.70 -18.69
N HIS B 123 -6.28 16.04 -18.02
CA HIS B 123 -7.24 16.94 -18.62
C HIS B 123 -7.33 18.30 -17.95
N ILE B 124 -6.79 18.41 -16.75
CA ILE B 124 -6.84 19.68 -16.05
C ILE B 124 -5.49 20.40 -16.07
N ILE B 125 -4.51 19.83 -15.39
CA ILE B 125 -3.18 20.43 -15.36
C ILE B 125 -2.38 20.06 -16.60
N GLU B 126 -2.96 19.19 -17.41
CA GLU B 126 -2.39 18.84 -18.71
C GLU B 126 -0.94 18.39 -18.60
N THR B 127 -0.64 17.62 -17.55
CA THR B 127 0.66 16.98 -17.44
C THR B 127 1.02 16.26 -18.73
N LYS B 128 2.29 16.28 -19.09
CA LYS B 128 2.75 15.58 -20.28
C LYS B 128 3.63 14.40 -19.86
N PHE B 129 3.11 13.20 -20.07
CA PHE B 129 3.83 11.97 -19.71
C PHE B 129 4.64 11.47 -20.89
N GLU B 130 5.79 10.87 -20.62
CA GLU B 130 6.57 10.22 -21.66
C GLU B 130 6.01 8.83 -21.93
N MET B 131 6.19 8.34 -23.14
CA MET B 131 5.46 7.16 -23.57
C MET B 131 5.62 6.03 -22.57
N ILE B 132 6.77 5.98 -21.91
CA ILE B 132 7.06 4.84 -21.04
C ILE B 132 6.17 4.90 -19.81
N LYS B 133 6.17 6.04 -19.13
CA LYS B 133 5.35 6.21 -17.95
C LYS B 133 3.87 6.03 -18.29
N LEU B 134 3.51 6.39 -19.52
CA LEU B 134 2.14 6.18 -19.99
C LEU B 134 1.81 4.69 -20.00
N ILE B 135 2.53 3.95 -20.84
CA ILE B 135 2.35 2.52 -20.95
C ILE B 135 2.26 1.90 -19.58
N ASP B 136 3.08 2.41 -18.66
CA ASP B 136 3.15 1.89 -17.30
C ASP B 136 1.88 2.18 -16.51
N ILE B 137 1.40 3.41 -16.58
CA ILE B 137 0.16 3.75 -15.92
C ILE B 137 -0.93 2.84 -16.48
N ALA B 138 -0.84 2.58 -17.78
CA ALA B 138 -1.78 1.69 -18.43
C ALA B 138 -1.63 0.30 -17.85
N ARG B 139 -0.38 -0.14 -17.67
CA ARG B 139 -0.11 -1.51 -17.24
C ARG B 139 -0.49 -1.75 -15.80
N GLN B 140 -0.30 -0.76 -14.94
CA GLN B 140 -0.72 -0.89 -13.56
C GLN B 140 -2.24 -0.95 -13.50
N THR B 141 -2.89 -0.01 -14.17
CA THR B 141 -4.35 0.01 -14.19
C THR B 141 -4.88 -1.36 -14.58
N ALA B 142 -4.33 -1.92 -15.65
CA ALA B 142 -4.71 -3.25 -16.11
C ALA B 142 -4.39 -4.29 -15.05
N GLN B 143 -3.17 -4.23 -14.54
CA GLN B 143 -2.75 -5.06 -13.41
C GLN B 143 -3.81 -5.02 -12.31
N GLY B 144 -4.38 -3.84 -12.10
CA GLY B 144 -5.29 -3.65 -10.99
C GLY B 144 -6.64 -4.30 -11.24
N MET B 145 -7.24 -3.95 -12.38
CA MET B 145 -8.55 -4.50 -12.75
C MET B 145 -8.50 -6.01 -12.75
N ASP B 146 -7.39 -6.57 -13.25
CA ASP B 146 -7.22 -8.00 -13.28
C ASP B 146 -7.52 -8.57 -11.90
N TYR B 147 -6.87 -7.99 -10.89
CA TYR B 147 -7.03 -8.44 -9.52
C TYR B 147 -8.48 -8.36 -9.07
N LEU B 148 -9.10 -7.19 -9.26
CA LEU B 148 -10.50 -7.02 -8.91
C LEU B 148 -11.37 -8.09 -9.55
N HIS B 149 -11.01 -8.44 -10.80
CA HIS B 149 -11.78 -9.42 -11.53
C HIS B 149 -11.54 -10.85 -11.05
N ALA B 150 -10.29 -11.19 -10.79
CA ALA B 150 -9.95 -12.50 -10.23
C ALA B 150 -10.74 -12.72 -8.94
N LYS B 151 -11.00 -11.63 -8.22
CA LYS B 151 -11.75 -11.71 -6.98
C LYS B 151 -13.24 -11.59 -7.28
N SER B 152 -13.58 -11.65 -8.57
CA SER B 152 -14.97 -11.54 -9.00
C SER B 152 -15.61 -10.26 -8.49
N ILE B 153 -14.96 -9.15 -8.79
CA ILE B 153 -15.47 -7.82 -8.50
C ILE B 153 -15.54 -7.05 -9.79
N ILE B 154 -16.74 -6.57 -10.15
CA ILE B 154 -16.87 -5.64 -11.26
C ILE B 154 -16.72 -4.24 -10.68
N HIS B 155 -16.00 -3.37 -11.37
CA HIS B 155 -15.88 -2.02 -10.85
C HIS B 155 -17.12 -1.20 -11.18
N ARG B 156 -17.56 -1.27 -12.44
CA ARG B 156 -18.76 -0.60 -12.92
C ARG B 156 -18.56 0.89 -13.19
N ASP B 157 -17.35 1.39 -12.95
CA ASP B 157 -17.11 2.82 -13.06
C ASP B 157 -15.64 3.15 -13.19
N LEU B 158 -14.87 2.25 -13.81
CA LEU B 158 -13.48 2.54 -14.08
C LEU B 158 -13.43 3.79 -14.95
N LYS B 159 -12.50 4.68 -14.64
CA LYS B 159 -12.27 5.88 -15.45
C LYS B 159 -11.12 6.72 -14.90
N SER B 160 -10.55 7.56 -15.75
CA SER B 160 -9.35 8.31 -15.39
C SER B 160 -9.56 9.08 -14.10
N ASN B 161 -10.80 9.32 -13.71
CA ASN B 161 -11.07 10.05 -12.49
C ASN B 161 -10.85 9.12 -11.29
N ASN B 162 -11.14 7.83 -11.49
CA ASN B 162 -11.02 6.84 -10.44
C ASN B 162 -9.69 6.11 -10.49
N ILE B 163 -8.79 6.57 -11.34
CA ILE B 163 -7.42 6.04 -11.34
C ILE B 163 -6.50 7.08 -10.72
N PHE B 164 -5.96 6.79 -9.54
CA PHE B 164 -5.15 7.75 -8.80
C PHE B 164 -3.67 7.45 -8.94
N LEU B 165 -2.88 8.45 -9.32
CA LEU B 165 -1.43 8.29 -9.42
C LEU B 165 -0.76 8.66 -8.11
N HIS B 166 -0.72 7.72 -7.17
CA HIS B 166 -0.21 7.99 -5.84
C HIS B 166 1.28 8.31 -5.85
N GLU B 167 1.62 9.55 -5.55
CA GLU B 167 3.01 9.99 -5.58
C GLU B 167 3.54 9.97 -7.00
N ASP B 168 2.63 10.16 -7.96
CA ASP B 168 2.99 10.32 -9.36
C ASP B 168 3.36 9.01 -10.06
N LEU B 169 3.61 7.97 -9.29
CA LEU B 169 3.67 6.61 -9.82
C LEU B 169 2.72 5.74 -9.02
N THR B 170 2.74 4.44 -9.24
CA THR B 170 1.92 3.53 -8.44
C THR B 170 0.44 3.87 -8.58
N VAL B 171 -0.16 3.44 -9.69
CA VAL B 171 -1.59 3.63 -9.89
C VAL B 171 -2.36 3.03 -8.72
N LYS B 172 -3.31 3.80 -8.19
CA LYS B 172 -4.20 3.29 -7.17
C LYS B 172 -5.64 3.38 -7.67
N ILE B 173 -6.27 2.23 -7.91
CA ILE B 173 -7.66 2.24 -8.38
C ILE B 173 -8.60 2.27 -7.19
N GLY B 174 -9.68 3.03 -7.33
CA GLY B 174 -10.72 3.03 -6.32
C GLY B 174 -11.97 3.63 -6.93
N ASP B 175 -13.03 3.76 -6.15
CA ASP B 175 -14.21 4.42 -6.65
C ASP B 175 -14.45 5.72 -5.89
N PHE B 176 -13.58 6.69 -6.14
CA PHE B 176 -13.61 7.95 -5.41
C PHE B 176 -14.94 8.65 -5.56
N GLY B 177 -15.46 8.65 -6.79
CA GLY B 177 -16.74 9.30 -7.08
C GLY B 177 -17.67 9.38 -5.88
N LEU B 178 -18.16 10.59 -5.60
CA LEU B 178 -18.72 10.92 -4.30
C LEU B 178 -20.25 10.93 -4.27
N ALA B 179 -20.83 12.07 -4.61
CA ALA B 179 -21.41 12.26 -5.94
C ALA B 179 -22.66 11.41 -6.20
N THR B 180 -23.22 10.81 -5.14
CA THR B 180 -24.27 9.80 -5.28
C THR B 180 -23.69 8.48 -5.79
N VAL B 181 -24.34 7.37 -5.41
CA VAL B 181 -23.83 6.03 -5.73
C VAL B 181 -23.30 5.95 -7.15
N LEU B 194 -28.29 11.04 -10.04
CA LEU B 194 -29.00 10.35 -11.11
C LEU B 194 -28.20 10.38 -12.43
N SER B 195 -27.24 11.31 -12.51
CA SER B 195 -26.51 11.54 -13.76
C SER B 195 -25.66 10.34 -14.15
N GLY B 196 -24.35 10.53 -14.17
CA GLY B 196 -23.46 9.45 -14.56
C GLY B 196 -22.30 9.93 -15.41
N SER B 197 -21.35 9.02 -15.65
CA SER B 197 -20.18 9.28 -16.48
C SER B 197 -20.32 8.53 -17.80
N ILE B 198 -20.65 9.25 -18.86
CA ILE B 198 -21.05 8.61 -20.10
C ILE B 198 -19.88 8.04 -20.87
N LEU B 199 -18.78 8.80 -20.90
CA LEU B 199 -17.69 8.50 -21.81
C LEU B 199 -17.13 7.08 -21.69
N TRP B 200 -17.06 6.54 -20.48
CA TRP B 200 -16.45 5.24 -20.31
C TRP B 200 -17.40 4.04 -20.41
N MET B 201 -18.72 4.29 -20.44
CA MET B 201 -19.69 3.21 -20.59
C MET B 201 -19.59 2.57 -21.96
N ALA B 202 -19.47 1.25 -21.99
CA ALA B 202 -19.63 0.49 -23.22
C ALA B 202 -21.08 0.56 -23.62
N PRO B 203 -21.36 0.37 -24.92
CA PRO B 203 -22.74 0.60 -25.40
C PRO B 203 -23.78 -0.13 -24.57
N GLU B 204 -23.66 -1.45 -24.46
CA GLU B 204 -24.68 -2.23 -23.77
C GLU B 204 -25.13 -1.52 -22.51
N VAL B 205 -24.16 -0.98 -21.77
CA VAL B 205 -24.45 -0.21 -20.56
C VAL B 205 -25.24 1.05 -20.88
N ILE B 206 -24.77 1.80 -21.88
CA ILE B 206 -25.34 3.10 -22.15
C ILE B 206 -26.78 2.91 -22.59
N ARG B 207 -27.08 1.72 -23.12
CA ARG B 207 -28.44 1.39 -23.51
C ARG B 207 -29.32 1.14 -22.29
N MET B 208 -28.81 0.32 -21.37
CA MET B 208 -29.62 -0.33 -20.35
C MET B 208 -30.48 -1.39 -21.00
N GLN B 209 -29.80 -2.36 -21.61
CA GLN B 209 -30.44 -3.49 -22.25
C GLN B 209 -31.21 -4.32 -21.23
N ASP B 210 -30.53 -5.29 -20.63
CA ASP B 210 -31.19 -6.28 -19.79
C ASP B 210 -31.04 -6.05 -18.29
N LYS B 211 -31.21 -4.79 -17.87
CA LYS B 211 -31.31 -4.45 -16.45
C LYS B 211 -30.02 -4.66 -15.65
N ASN B 212 -29.28 -5.73 -15.96
CA ASN B 212 -27.91 -5.88 -15.50
C ASN B 212 -26.95 -6.01 -16.68
N PRO B 213 -26.51 -4.88 -17.24
CA PRO B 213 -25.61 -4.80 -18.39
C PRO B 213 -24.16 -5.04 -18.01
N TYR B 214 -23.85 -4.84 -16.73
CA TYR B 214 -22.46 -4.76 -16.30
C TYR B 214 -21.74 -6.09 -16.31
N SER B 215 -20.51 -6.09 -16.79
CA SER B 215 -19.71 -7.30 -16.86
C SER B 215 -18.22 -6.99 -16.79
N PHE B 216 -17.42 -8.04 -16.79
CA PHE B 216 -15.97 -7.91 -16.89
C PHE B 216 -15.66 -7.13 -18.17
N GLN B 217 -16.28 -7.52 -19.28
CA GLN B 217 -16.05 -6.84 -20.54
C GLN B 217 -16.56 -5.41 -20.49
N SER B 218 -17.58 -5.18 -19.66
CA SER B 218 -18.02 -3.82 -19.37
C SER B 218 -16.78 -3.02 -18.97
N ASP B 219 -16.13 -3.47 -17.91
CA ASP B 219 -14.94 -2.78 -17.42
C ASP B 219 -13.93 -2.65 -18.56
N VAL B 220 -13.68 -3.74 -19.27
CA VAL B 220 -12.65 -3.73 -20.30
C VAL B 220 -12.83 -2.56 -21.26
N TYR B 221 -14.07 -2.25 -21.58
CA TYR B 221 -14.34 -1.09 -22.43
C TYR B 221 -13.91 0.19 -21.72
N ALA B 222 -14.44 0.39 -20.51
CA ALA B 222 -14.05 1.55 -19.71
C ALA B 222 -12.54 1.66 -19.73
N PHE B 223 -11.87 0.52 -19.63
CA PHE B 223 -10.42 0.52 -19.68
C PHE B 223 -9.97 0.98 -21.06
N GLY B 224 -10.71 0.57 -22.08
CA GLY B 224 -10.37 0.96 -23.44
C GLY B 224 -10.35 2.47 -23.60
N ILE B 225 -11.37 3.12 -23.06
CA ILE B 225 -11.43 4.57 -23.10
C ILE B 225 -10.29 5.19 -22.31
N VAL B 226 -9.95 4.58 -21.18
CA VAL B 226 -8.78 5.03 -20.44
C VAL B 226 -7.54 4.93 -21.32
N LEU B 227 -7.36 3.79 -21.97
CA LEU B 227 -6.23 3.65 -22.88
C LEU B 227 -6.31 4.81 -23.86
N TYR B 228 -7.49 5.00 -24.42
CA TYR B 228 -7.67 6.08 -25.38
C TYR B 228 -7.24 7.42 -24.81
N GLU B 229 -7.58 7.68 -23.56
CA GLU B 229 -7.19 8.93 -22.91
C GLU B 229 -5.67 9.05 -22.85
N LEU B 230 -5.02 7.98 -22.39
CA LEU B 230 -3.58 8.00 -22.21
C LEU B 230 -2.90 8.22 -23.54
N MET B 231 -3.44 7.59 -24.58
CA MET B 231 -2.76 7.59 -25.87
C MET B 231 -3.02 8.84 -26.71
N THR B 232 -3.98 9.66 -26.30
CA THR B 232 -4.30 10.87 -27.06
C THR B 232 -4.39 12.08 -26.14
N GLY B 233 -4.21 11.83 -24.85
CA GLY B 233 -4.26 12.90 -23.87
C GLY B 233 -5.59 13.62 -23.85
N GLN B 234 -6.56 13.09 -24.59
CA GLN B 234 -7.88 13.71 -24.70
C GLN B 234 -8.97 12.78 -24.19
N LEU B 235 -10.15 13.35 -23.92
CA LEU B 235 -11.35 12.54 -23.75
C LEU B 235 -11.98 12.27 -25.11
N PRO B 236 -12.82 11.23 -25.21
CA PRO B 236 -13.46 10.92 -26.49
C PRO B 236 -14.54 11.95 -26.84
N TYR B 237 -14.83 12.08 -28.12
CA TYR B 237 -15.95 12.91 -28.59
C TYR B 237 -15.91 14.33 -28.02
N SER B 238 -14.79 15.02 -28.22
CA SER B 238 -14.67 16.39 -27.77
C SER B 238 -15.32 17.37 -28.77
N ASN B 239 -15.55 16.92 -30.00
CA ASN B 239 -16.13 17.77 -31.01
C ASN B 239 -17.65 17.74 -30.97
N ILE B 240 -18.21 16.93 -30.08
CA ILE B 240 -19.65 16.89 -29.90
C ILE B 240 -20.04 17.50 -28.55
N ASN B 241 -20.89 18.51 -28.58
CA ASN B 241 -21.23 19.24 -27.36
C ASN B 241 -22.63 18.92 -26.87
N ASN B 242 -23.11 17.73 -27.20
CA ASN B 242 -24.44 17.33 -26.74
C ASN B 242 -24.46 15.94 -26.12
N ARG B 243 -24.68 15.91 -24.82
CA ARG B 243 -24.56 14.69 -24.02
C ARG B 243 -25.50 13.62 -24.53
N ASP B 244 -26.76 14.00 -24.73
CA ASP B 244 -27.78 13.05 -25.12
C ASP B 244 -27.40 12.39 -26.44
N GLN B 245 -27.00 13.18 -27.41
CA GLN B 245 -26.61 12.65 -28.71
C GLN B 245 -25.44 11.67 -28.57
N ILE B 246 -24.53 11.98 -27.65
CA ILE B 246 -23.39 11.13 -27.41
C ILE B 246 -23.90 9.83 -26.85
N ILE B 247 -24.75 9.94 -25.84
CA ILE B 247 -25.35 8.74 -25.25
C ILE B 247 -26.05 7.96 -26.35
N PHE B 248 -26.87 8.65 -27.13
CA PHE B 248 -27.71 7.98 -28.11
C PHE B 248 -26.88 7.24 -29.14
N MET B 249 -25.92 7.93 -29.73
CA MET B 249 -25.18 7.38 -30.85
C MET B 249 -24.23 6.27 -30.41
N VAL B 250 -23.47 6.53 -29.34
CA VAL B 250 -22.61 5.52 -28.76
C VAL B 250 -23.42 4.27 -28.45
N GLY B 251 -24.72 4.46 -28.22
CA GLY B 251 -25.59 3.33 -27.95
C GLY B 251 -25.99 2.60 -29.20
N ARG B 252 -26.43 3.34 -30.22
CA ARG B 252 -26.79 2.74 -31.49
C ARG B 252 -25.53 2.26 -32.22
N GLY B 253 -24.37 2.63 -31.68
CA GLY B 253 -23.13 2.27 -32.33
C GLY B 253 -22.86 3.10 -33.57
N TYR B 254 -23.35 4.32 -33.58
CA TYR B 254 -23.12 5.22 -34.70
C TYR B 254 -21.84 6.00 -34.44
N LEU B 255 -21.55 6.22 -33.16
CA LEU B 255 -20.34 6.93 -32.76
C LEU B 255 -19.40 6.05 -31.98
N SER B 256 -18.10 6.25 -32.18
CA SER B 256 -17.09 5.58 -31.37
C SER B 256 -15.84 6.43 -31.36
N PRO B 257 -14.91 6.16 -30.43
CA PRO B 257 -13.69 6.96 -30.31
C PRO B 257 -12.90 7.08 -31.61
N ASP B 258 -12.36 8.27 -31.86
CA ASP B 258 -11.55 8.52 -33.05
C ASP B 258 -10.11 8.06 -32.86
N LEU B 259 -9.85 6.79 -33.16
CA LEU B 259 -8.56 6.20 -32.88
C LEU B 259 -7.43 6.81 -33.70
N SER B 260 -7.78 7.59 -34.72
CA SER B 260 -6.76 8.17 -35.57
C SER B 260 -6.13 9.39 -34.90
N LYS B 261 -6.40 9.58 -33.62
CA LYS B 261 -5.84 10.68 -32.86
C LYS B 261 -4.72 10.24 -31.92
N VAL B 262 -4.36 8.96 -31.97
CA VAL B 262 -3.29 8.47 -31.12
C VAL B 262 -1.99 9.23 -31.37
N ARG B 263 -1.29 9.54 -30.28
CA ARG B 263 -0.02 10.25 -30.34
C ARG B 263 0.90 9.54 -31.34
N SER B 264 1.63 10.32 -32.11
CA SER B 264 2.42 9.82 -33.22
C SER B 264 3.28 8.59 -32.87
N ASN B 265 3.81 8.57 -31.65
CA ASN B 265 4.81 7.57 -31.26
C ASN B 265 4.21 6.33 -30.60
N CYS B 266 2.89 6.28 -30.49
CA CYS B 266 2.22 5.15 -29.86
C CYS B 266 2.53 3.85 -30.62
N PRO B 267 2.84 2.77 -29.88
CA PRO B 267 3.12 1.45 -30.46
C PRO B 267 1.90 0.85 -31.16
N LYS B 268 2.11 0.33 -32.36
CA LYS B 268 1.00 -0.20 -33.16
C LYS B 268 0.22 -1.29 -32.43
N ALA B 269 0.80 -1.84 -31.37
CA ALA B 269 0.13 -2.88 -30.59
C ALA B 269 -0.76 -2.27 -29.51
N MET B 270 -0.37 -1.10 -29.01
CA MET B 270 -1.22 -0.35 -28.09
C MET B 270 -2.50 0.07 -28.81
N LYS B 271 -2.34 0.62 -30.00
CA LYS B 271 -3.46 1.04 -30.82
C LYS B 271 -4.33 -0.18 -31.20
N ARG B 272 -3.67 -1.29 -31.51
CA ARG B 272 -4.38 -2.50 -31.93
C ARG B 272 -5.17 -3.05 -30.76
N LEU B 273 -4.60 -2.94 -29.57
CA LEU B 273 -5.24 -3.39 -28.33
C LEU B 273 -6.39 -2.47 -27.97
N MET B 274 -6.18 -1.18 -28.16
CA MET B 274 -7.17 -0.18 -27.81
C MET B 274 -8.51 -0.56 -28.43
N ALA B 275 -8.47 -0.99 -29.69
CA ALA B 275 -9.69 -1.27 -30.43
C ALA B 275 -10.34 -2.56 -29.94
N GLU B 276 -9.52 -3.58 -29.69
CA GLU B 276 -10.03 -4.85 -29.22
C GLU B 276 -10.79 -4.65 -27.91
N CYS B 277 -10.44 -3.61 -27.18
CA CYS B 277 -11.09 -3.32 -25.91
C CYS B 277 -12.36 -2.51 -26.09
N LEU B 278 -12.41 -1.71 -27.15
CA LEU B 278 -13.55 -0.82 -27.36
C LEU B 278 -14.56 -1.40 -28.34
N LYS B 279 -14.51 -2.71 -28.55
CA LYS B 279 -15.41 -3.39 -29.49
C LYS B 279 -16.86 -3.25 -29.04
N LYS B 280 -17.73 -2.86 -29.96
CA LYS B 280 -19.11 -2.55 -29.62
C LYS B 280 -19.87 -3.80 -29.20
N LYS B 281 -19.34 -4.96 -29.55
CA LYS B 281 -19.97 -6.23 -29.19
C LYS B 281 -19.35 -6.76 -27.90
N ARG B 282 -20.16 -6.85 -26.85
CA ARG B 282 -19.71 -7.31 -25.53
C ARG B 282 -18.72 -8.47 -25.63
N ASP B 283 -19.09 -9.50 -26.37
CA ASP B 283 -18.41 -10.78 -26.32
C ASP B 283 -17.18 -10.85 -27.22
N GLU B 284 -16.87 -9.76 -27.91
CA GLU B 284 -15.70 -9.75 -28.78
C GLU B 284 -14.51 -9.12 -28.06
N ARG B 285 -14.75 -8.62 -26.85
CA ARG B 285 -13.72 -7.92 -26.09
C ARG B 285 -12.84 -8.92 -25.35
N PRO B 286 -11.57 -8.57 -25.15
CA PRO B 286 -10.63 -9.34 -24.34
C PRO B 286 -10.85 -9.12 -22.84
N LEU B 287 -10.69 -10.18 -22.06
CA LEU B 287 -10.65 -10.05 -20.61
C LEU B 287 -9.23 -9.70 -20.16
N PHE B 288 -9.09 -9.29 -18.91
CA PHE B 288 -7.86 -8.64 -18.48
C PHE B 288 -6.59 -9.48 -18.43
N PRO B 289 -6.70 -10.76 -18.06
CA PRO B 289 -5.47 -11.56 -18.06
C PRO B 289 -4.77 -11.53 -19.40
N GLN B 290 -5.55 -11.45 -20.47
CA GLN B 290 -4.98 -11.30 -21.80
C GLN B 290 -4.54 -9.87 -22.04
N ILE B 291 -5.39 -8.92 -21.65
CA ILE B 291 -5.09 -7.50 -21.83
C ILE B 291 -3.77 -7.19 -21.13
N LEU B 292 -3.65 -7.72 -19.93
CA LEU B 292 -2.51 -7.44 -19.09
C LEU B 292 -1.26 -7.92 -19.81
N ALA B 293 -1.33 -9.15 -20.31
CA ALA B 293 -0.18 -9.76 -20.98
C ALA B 293 0.15 -9.02 -22.28
N SER B 294 -0.87 -8.65 -23.04
CA SER B 294 -0.66 -7.90 -24.28
C SER B 294 0.07 -6.61 -24.00
N ILE B 295 0.01 -6.13 -22.77
CA ILE B 295 0.71 -4.90 -22.39
C ILE B 295 2.13 -5.19 -21.91
N GLU B 296 2.28 -6.18 -21.04
CA GLU B 296 3.59 -6.54 -20.50
C GLU B 296 4.51 -7.01 -21.63
N LEU B 297 3.91 -7.27 -22.79
CA LEU B 297 4.65 -7.67 -23.97
C LEU B 297 5.13 -6.45 -24.75
N LEU B 298 4.21 -5.53 -25.03
CA LEU B 298 4.52 -4.36 -25.82
C LEU B 298 5.39 -3.40 -25.03
N ALA B 299 5.37 -3.53 -23.71
CA ALA B 299 6.13 -2.66 -22.83
C ALA B 299 7.56 -3.16 -22.72
N ARG B 300 7.78 -4.40 -23.12
CA ARG B 300 9.08 -5.05 -22.98
C ARG B 300 9.97 -4.69 -24.17
N SER B 301 9.35 -4.14 -25.22
CA SER B 301 10.09 -3.88 -26.46
C SER B 301 9.77 -2.52 -27.07
N LEU B 302 10.33 -1.46 -26.50
CA LEU B 302 10.23 -0.13 -27.07
C LEU B 302 11.10 0.94 -26.41
N PRO B 303 12.03 0.54 -25.51
CA PRO B 303 12.87 1.58 -24.91
C PRO B 303 13.61 2.41 -25.95
N LYS B 304 13.56 1.95 -27.21
CA LYS B 304 14.04 2.72 -28.34
C LYS B 304 12.85 3.33 -29.08
#